data_4LSJ
#
_entry.id   4LSJ
#
_cell.length_a   38.9620
_cell.length_b   139.3980
_cell.length_c   48.0680
_cell.angle_alpha   90.00
_cell.angle_beta   90.00
_cell.angle_gamma   90.00
#
_symmetry.space_group_name_H-M   'P 21 21 2'
#
loop_
_entity.id
_entity.type
_entity.pdbx_description
1 polymer 'Glucocorticoid receptor'
2 polymer 'D30 peptide'
3 non-polymer N-{3-[(1Z)-1-(10-methoxydibenzo[b,e]oxepin-11(6H)-ylidene)propyl]phenyl}methanesulfonamide
4 water water
#
loop_
_entity_poly.entity_id
_entity_poly.type
_entity_poly.pdbx_seq_one_letter_code
_entity_poly.pdbx_strand_id
1 'polypeptide(L)'
;SLPATLPQLTPTLVSLLEVIEPEVLYAGYDSSVPDSTWRIMTTLNMLGGRQVIAAVKWAKAIPGFRNLHLDDQMTLLQYS
WMYLMAFALGWRSYRQSSANLLCFAPDLIINEQRMTLPGMYDQCKHMLYVSSELHRLQVSYEEYLCMKTLLLLSSVPKDG
LKSQELFDEIRMTYIKELGKAIVKREGNSSQNWQRFYQLTKLLDSMHEVVENLLNYCFQTFLDKTMSIEFPEMLAEIITN
QIPKYSNGNIKKLLFHQK
;
A
2 'polypeptide(L)' HSSRLWELLMEAT B
#
# COMPACT_ATOMS: atom_id res chain seq x y z
N PRO A 7 33.28 -55.05 18.80
CA PRO A 7 33.31 -55.81 17.54
C PRO A 7 32.61 -55.11 16.38
N GLN A 8 31.27 -54.91 16.43
CA GLN A 8 30.57 -54.20 15.34
C GLN A 8 30.12 -52.77 15.70
N LEU A 9 30.77 -51.78 15.04
CA LEU A 9 30.50 -50.36 15.23
C LEU A 9 29.22 -49.98 14.49
N THR A 10 28.26 -49.40 15.21
CA THR A 10 26.99 -49.01 14.59
C THR A 10 27.07 -47.58 14.06
N PRO A 11 26.43 -47.26 12.91
CA PRO A 11 26.44 -45.85 12.46
C PRO A 11 25.38 -45.05 13.26
N THR A 12 25.72 -44.67 14.49
CA THR A 12 24.79 -43.99 15.41
C THR A 12 24.32 -42.64 14.98
N LEU A 13 25.19 -41.86 14.34
CA LEU A 13 24.85 -40.53 13.86
C LEU A 13 23.89 -40.56 12.66
N VAL A 14 23.91 -41.62 11.86
CA VAL A 14 22.98 -41.70 10.73
C VAL A 14 21.50 -41.74 11.23
N SER A 15 21.26 -42.34 12.42
CA SER A 15 19.92 -42.36 13.05
C SER A 15 19.44 -40.95 13.39
N LEU A 16 20.36 -40.12 13.90
CA LEU A 16 20.09 -38.71 14.17
C LEU A 16 19.99 -37.89 12.85
N LEU A 17 20.77 -38.23 11.81
CA LEU A 17 20.67 -37.55 10.51
C LEU A 17 19.29 -37.79 9.90
N GLU A 18 18.69 -38.96 10.16
CA GLU A 18 17.38 -39.37 9.65
C GLU A 18 16.29 -38.58 10.32
N VAL A 19 16.41 -38.41 11.65
CA VAL A 19 15.48 -37.70 12.54
C VAL A 19 15.36 -36.24 12.18
N ILE A 20 16.50 -35.60 11.87
CA ILE A 20 16.55 -34.17 11.56
C ILE A 20 16.28 -33.83 10.10
N GLU A 21 16.28 -34.83 9.20
CA GLU A 21 16.04 -34.55 7.78
C GLU A 21 14.65 -33.89 7.60
N PRO A 22 14.56 -32.67 7.05
CA PRO A 22 13.25 -32.02 6.95
C PRO A 22 12.37 -32.56 5.81
N GLU A 23 11.05 -32.31 5.88
CA GLU A 23 10.12 -32.74 4.83
C GLU A 23 10.46 -31.97 3.57
N VAL A 24 10.19 -32.57 2.39
CA VAL A 24 10.38 -32.01 1.06
C VAL A 24 9.60 -30.71 0.90
N LEU A 25 10.22 -29.70 0.31
CA LEU A 25 9.50 -28.44 0.09
C LEU A 25 8.71 -28.47 -1.21
N TYR A 26 7.58 -27.79 -1.22
CA TYR A 26 6.72 -27.67 -2.40
C TYR A 26 7.03 -26.34 -3.05
N ALA A 27 7.02 -26.30 -4.38
CA ALA A 27 7.34 -25.08 -5.10
C ALA A 27 6.17 -24.10 -5.13
N GLY A 28 4.96 -24.63 -5.06
CA GLY A 28 3.73 -23.85 -5.14
C GLY A 28 3.26 -23.67 -6.57
N TYR A 29 4.02 -24.22 -7.53
CA TYR A 29 3.70 -24.14 -8.96
C TYR A 29 2.40 -24.82 -9.40
N ASP A 30 1.49 -24.02 -9.98
CA ASP A 30 0.22 -24.46 -10.56
C ASP A 30 0.19 -23.99 -12.02
N SER A 31 0.27 -24.95 -12.94
CA SER A 31 0.30 -24.72 -14.39
C SER A 31 -1.04 -24.19 -14.96
N SER A 32 -2.15 -24.29 -14.18
CA SER A 32 -3.46 -23.78 -14.60
C SER A 32 -3.47 -22.24 -14.67
N VAL A 33 -2.64 -21.57 -13.84
CA VAL A 33 -2.49 -20.11 -13.84
C VAL A 33 -1.55 -19.76 -15.01
N PRO A 34 -1.96 -18.88 -15.95
CA PRO A 34 -1.07 -18.54 -17.08
C PRO A 34 0.18 -17.80 -16.61
N ASP A 35 1.28 -17.98 -17.36
CA ASP A 35 2.58 -17.39 -17.08
C ASP A 35 2.53 -15.85 -17.05
N SER A 36 1.85 -15.23 -18.05
CA SER A 36 1.64 -13.78 -18.18
C SER A 36 1.03 -13.20 -16.91
N THR A 37 -0.04 -13.87 -16.41
CA THR A 37 -0.77 -13.53 -15.19
C THR A 37 0.19 -13.55 -14.03
N TRP A 38 0.77 -14.74 -13.72
CA TRP A 38 1.74 -14.96 -12.64
C TRP A 38 2.86 -13.89 -12.66
N ARG A 39 3.41 -13.61 -13.84
CA ARG A 39 4.49 -12.65 -14.02
C ARG A 39 4.09 -11.21 -13.70
N ILE A 40 2.95 -10.74 -14.22
CA ILE A 40 2.58 -9.37 -13.90
C ILE A 40 2.23 -9.17 -12.43
N MET A 41 1.47 -10.10 -11.82
CA MET A 41 1.12 -10.06 -10.40
C MET A 41 2.40 -10.05 -9.56
N THR A 42 3.31 -11.02 -9.81
CA THR A 42 4.58 -11.16 -9.10
C THR A 42 5.41 -9.88 -9.20
N THR A 43 5.57 -9.36 -10.43
CA THR A 43 6.31 -8.11 -10.73
C THR A 43 5.68 -6.91 -9.99
N LEU A 44 4.34 -6.84 -9.97
CA LEU A 44 3.62 -5.76 -9.28
C LEU A 44 3.81 -5.80 -7.77
N ASN A 45 3.82 -7.02 -7.19
CA ASN A 45 4.07 -7.24 -5.77
C ASN A 45 5.49 -6.86 -5.44
N MET A 46 6.45 -7.21 -6.33
CA MET A 46 7.87 -6.90 -6.12
C MET A 46 8.10 -5.40 -6.16
N LEU A 47 7.57 -4.69 -7.17
CA LEU A 47 7.64 -3.22 -7.27
C LEU A 47 6.93 -2.60 -6.05
N GLY A 48 5.76 -3.17 -5.70
CA GLY A 48 4.96 -2.77 -4.54
C GLY A 48 5.74 -2.81 -3.25
N GLY A 49 6.48 -3.89 -3.03
CA GLY A 49 7.32 -4.06 -1.84
C GLY A 49 8.40 -2.98 -1.78
N ARG A 50 9.04 -2.74 -2.91
CA ARG A 50 10.05 -1.70 -3.04
C ARG A 50 9.46 -0.30 -2.81
N GLN A 51 8.24 -0.06 -3.27
CA GLN A 51 7.54 1.17 -2.96
C GLN A 51 7.24 1.42 -1.49
N VAL A 52 6.91 0.40 -0.71
CA VAL A 52 6.66 0.53 0.73
C VAL A 52 7.97 0.98 1.39
N ILE A 53 9.11 0.38 0.98
CA ILE A 53 10.43 0.75 1.47
C ILE A 53 10.68 2.24 1.22
N ALA A 54 10.46 2.69 -0.02
CA ALA A 54 10.61 4.08 -0.45
C ALA A 54 9.73 4.99 0.44
N ALA A 55 8.43 4.58 0.65
CA ALA A 55 7.44 5.28 1.46
C ALA A 55 7.87 5.40 2.93
N VAL A 56 8.50 4.36 3.48
CA VAL A 56 9.03 4.38 4.85
C VAL A 56 10.20 5.40 4.92
N LYS A 57 11.12 5.39 3.94
CA LYS A 57 12.24 6.35 3.93
C LYS A 57 11.72 7.78 3.69
N TRP A 58 10.70 7.94 2.83
CA TRP A 58 10.05 9.24 2.60
C TRP A 58 9.45 9.80 3.92
N ALA A 59 8.63 9.00 4.62
CA ALA A 59 7.94 9.37 5.87
C ALA A 59 8.93 9.75 6.97
N LYS A 60 10.07 9.05 7.05
CA LYS A 60 11.09 9.41 8.03
C LYS A 60 11.64 10.83 7.78
N ALA A 61 11.55 11.31 6.53
CA ALA A 61 11.98 12.65 6.14
C ALA A 61 10.85 13.73 6.21
N ILE A 62 9.58 13.35 6.46
CA ILE A 62 8.50 14.34 6.54
C ILE A 62 8.63 15.16 7.84
N PRO A 63 8.65 16.52 7.76
CA PRO A 63 8.69 17.31 9.00
C PRO A 63 7.52 16.99 9.94
N GLY A 64 7.82 16.79 11.22
CA GLY A 64 6.85 16.43 12.24
C GLY A 64 6.73 14.92 12.46
N PHE A 65 6.80 14.12 11.36
CA PHE A 65 6.66 12.66 11.43
C PHE A 65 7.59 11.96 12.43
N ARG A 66 8.90 12.27 12.37
CA ARG A 66 9.90 11.71 13.28
C ARG A 66 9.61 12.09 14.71
N ASN A 67 8.87 13.18 14.94
CA ASN A 67 8.48 13.67 16.26
C ASN A 67 7.45 12.82 16.97
N LEU A 68 6.70 11.98 16.25
CA LEU A 68 5.71 11.08 16.87
C LEU A 68 6.44 9.88 17.46
N HIS A 69 5.78 9.16 18.40
CA HIS A 69 6.33 7.94 18.98
C HIS A 69 6.57 6.91 17.86
N LEU A 70 7.66 6.14 17.99
CA LEU A 70 8.07 5.11 17.02
C LEU A 70 6.93 4.13 16.69
N ASP A 71 6.12 3.75 17.68
CA ASP A 71 4.94 2.88 17.53
C ASP A 71 3.85 3.52 16.66
N ASP A 72 3.66 4.86 16.77
CA ASP A 72 2.68 5.61 15.97
C ASP A 72 3.13 5.72 14.54
N GLN A 73 4.42 5.93 14.34
CA GLN A 73 5.05 5.97 13.02
C GLN A 73 4.85 4.61 12.36
N MET A 74 5.04 3.54 13.14
CA MET A 74 4.86 2.15 12.71
C MET A 74 3.43 1.94 12.24
N THR A 75 2.46 2.30 13.12
CA THR A 75 1.02 2.20 12.93
C THR A 75 0.56 2.95 11.67
N LEU A 76 0.99 4.21 11.52
CA LEU A 76 0.57 5.06 10.41
C LEU A 76 1.03 4.50 9.09
N LEU A 77 2.27 3.97 9.06
CA LEU A 77 2.81 3.34 7.86
C LEU A 77 2.11 2.04 7.47
N GLN A 78 1.75 1.20 8.47
CA GLN A 78 1.04 -0.07 8.26
C GLN A 78 -0.38 0.16 7.72
N TYR A 79 -1.04 1.24 8.18
CA TYR A 79 -2.40 1.58 7.76
C TYR A 79 -2.46 2.30 6.39
N SER A 80 -1.43 3.11 6.08
CA SER A 80 -1.43 3.98 4.90
C SER A 80 -0.65 3.52 3.70
N TRP A 81 0.15 2.41 3.78
CA TRP A 81 0.97 2.02 2.63
C TRP A 81 0.22 1.92 1.33
N MET A 82 -1.02 1.40 1.35
CA MET A 82 -1.82 1.26 0.13
C MET A 82 -2.36 2.60 -0.35
N TYR A 83 -2.59 3.56 0.59
CA TYR A 83 -3.07 4.90 0.22
C TYR A 83 -1.98 5.60 -0.56
N LEU A 84 -0.75 5.57 -0.02
CA LEU A 84 0.41 6.22 -0.63
C LEU A 84 0.69 5.69 -2.03
N MET A 85 0.67 4.36 -2.18
CA MET A 85 0.93 3.67 -3.44
C MET A 85 -0.11 3.92 -4.49
N ALA A 86 -1.42 3.84 -4.13
CA ALA A 86 -2.53 4.07 -5.06
C ALA A 86 -2.59 5.51 -5.53
N PHE A 87 -2.38 6.47 -4.62
CA PHE A 87 -2.43 7.88 -4.97
C PHE A 87 -1.25 8.25 -5.87
N ALA A 88 -0.06 7.67 -5.60
CA ALA A 88 1.11 8.01 -6.44
C ALA A 88 0.93 7.45 -7.84
N LEU A 89 0.29 6.27 -7.94
CA LEU A 89 -0.04 5.57 -9.19
C LEU A 89 -1.05 6.42 -10.00
N GLY A 90 -2.07 6.96 -9.33
CA GLY A 90 -3.06 7.84 -9.95
C GLY A 90 -2.38 9.07 -10.54
N TRP A 91 -1.44 9.67 -9.76
CA TRP A 91 -0.64 10.84 -10.15
C TRP A 91 0.23 10.55 -11.37
N ARG A 92 1.04 9.49 -11.34
CA ARG A 92 1.89 9.15 -12.50
C ARG A 92 1.06 8.83 -13.73
N SER A 93 -0.12 8.20 -13.58
CA SER A 93 -1.01 7.88 -14.71
C SER A 93 -1.64 9.15 -15.27
N TYR A 94 -2.05 10.07 -14.39
CA TYR A 94 -2.60 11.35 -14.83
C TYR A 94 -1.54 12.13 -15.62
N ARG A 95 -0.33 12.21 -15.06
CA ARG A 95 0.78 12.88 -15.72
C ARG A 95 1.18 12.29 -17.07
N GLN A 96 0.81 11.03 -17.36
CA GLN A 96 1.09 10.41 -18.67
C GLN A 96 0.07 10.85 -19.73
N SER A 97 -1.15 11.25 -19.31
CA SER A 97 -2.25 11.73 -20.17
C SER A 97 -2.95 10.71 -21.11
N SER A 98 -2.39 9.49 -21.28
CA SER A 98 -3.04 8.49 -22.12
C SER A 98 -4.23 7.82 -21.44
N ALA A 99 -5.36 7.76 -22.17
CA ALA A 99 -6.61 7.15 -21.72
C ALA A 99 -6.40 5.68 -21.43
N ASN A 100 -6.88 5.24 -20.24
CA ASN A 100 -6.81 3.85 -19.77
C ASN A 100 -5.43 3.28 -19.52
N LEU A 101 -4.39 4.14 -19.38
CA LEU A 101 -3.06 3.64 -19.08
C LEU A 101 -2.72 3.86 -17.64
N LEU A 102 -2.21 2.81 -16.99
CA LEU A 102 -1.81 2.88 -15.59
C LEU A 102 -0.33 2.78 -15.52
N CYS A 103 0.30 3.86 -15.08
N CYS A 103 0.33 3.91 -15.12
CA CYS A 103 1.74 3.95 -15.03
CA CYS A 103 1.78 4.06 -14.98
C CYS A 103 2.34 3.53 -13.71
C CYS A 103 2.30 3.53 -13.63
N PHE A 104 2.41 2.19 -13.52
CA PHE A 104 2.95 1.53 -12.33
C PHE A 104 4.42 1.94 -12.17
N ALA A 105 5.14 2.01 -13.31
CA ALA A 105 6.54 2.41 -13.40
C ALA A 105 6.86 2.85 -14.84
N PRO A 106 7.93 3.65 -15.10
CA PRO A 106 8.19 4.09 -16.50
C PRO A 106 8.37 2.96 -17.52
N ASP A 107 8.70 1.74 -17.04
CA ASP A 107 8.90 0.54 -17.84
C ASP A 107 7.77 -0.49 -17.66
N LEU A 108 6.70 -0.12 -16.94
CA LEU A 108 5.55 -0.99 -16.72
C LEU A 108 4.27 -0.17 -16.76
N ILE A 109 3.87 0.14 -17.97
CA ILE A 109 2.66 0.91 -18.25
C ILE A 109 1.67 -0.10 -18.74
N ILE A 110 0.69 -0.39 -17.89
CA ILE A 110 -0.36 -1.35 -18.15
C ILE A 110 -1.51 -0.65 -18.84
N ASN A 111 -2.11 -1.34 -19.80
CA ASN A 111 -3.30 -0.91 -20.52
C ASN A 111 -4.44 -1.73 -19.96
N GLU A 112 -5.42 -1.08 -19.31
CA GLU A 112 -6.54 -1.78 -18.70
C GLU A 112 -7.35 -2.61 -19.74
N GLN A 113 -7.29 -2.19 -21.01
CA GLN A 113 -7.96 -2.83 -22.14
C GLN A 113 -7.26 -4.10 -22.63
N ARG A 114 -6.11 -4.45 -22.00
CA ARG A 114 -5.33 -5.66 -22.25
C ARG A 114 -5.40 -6.59 -21.01
N MET A 115 -6.12 -6.14 -19.94
CA MET A 115 -6.28 -6.89 -18.69
C MET A 115 -7.36 -7.95 -18.84
N THR A 116 -6.91 -9.21 -18.96
CA THR A 116 -7.72 -10.42 -19.14
C THR A 116 -8.19 -11.01 -17.80
N LEU A 117 -7.38 -10.84 -16.73
N LEU A 117 -7.40 -10.78 -16.75
CA LEU A 117 -7.68 -11.31 -15.37
CA LEU A 117 -7.62 -11.23 -15.37
C LEU A 117 -8.71 -10.34 -14.76
C LEU A 117 -8.71 -10.32 -14.76
N PRO A 118 -9.94 -10.82 -14.47
CA PRO A 118 -11.01 -9.92 -13.94
C PRO A 118 -10.76 -9.16 -12.65
N GLY A 119 -10.06 -9.77 -11.68
CA GLY A 119 -9.72 -9.12 -10.42
C GLY A 119 -8.83 -7.90 -10.62
N MET A 120 -7.82 -8.06 -11.51
CA MET A 120 -6.85 -7.04 -11.88
C MET A 120 -7.54 -5.98 -12.73
N TYR A 121 -8.49 -6.40 -13.59
CA TYR A 121 -9.26 -5.49 -14.42
C TYR A 121 -10.06 -4.56 -13.52
N ASP A 122 -10.73 -5.12 -12.49
CA ASP A 122 -11.53 -4.32 -11.56
C ASP A 122 -10.71 -3.31 -10.77
N GLN A 123 -9.50 -3.70 -10.32
CA GLN A 123 -8.63 -2.82 -9.53
C GLN A 123 -8.15 -1.63 -10.35
N CYS A 124 -7.75 -1.92 -11.59
CA CYS A 124 -7.31 -0.96 -12.56
C CYS A 124 -8.37 0.08 -12.89
N LYS A 125 -9.65 -0.33 -12.99
CA LYS A 125 -10.76 0.60 -13.28
C LYS A 125 -10.95 1.63 -12.15
N HIS A 126 -10.85 1.19 -10.90
CA HIS A 126 -10.91 2.12 -9.77
C HIS A 126 -9.76 3.12 -9.83
N MET A 127 -8.56 2.63 -10.16
CA MET A 127 -7.38 3.46 -10.28
C MET A 127 -7.57 4.50 -11.36
N LEU A 128 -8.28 4.10 -12.44
CA LEU A 128 -8.57 5.01 -13.55
C LEU A 128 -9.52 6.12 -13.14
N TYR A 129 -10.37 5.88 -12.11
CA TYR A 129 -11.24 6.89 -11.51
C TYR A 129 -10.38 7.92 -10.72
N VAL A 130 -9.36 7.46 -9.98
CA VAL A 130 -8.43 8.33 -9.23
C VAL A 130 -7.72 9.26 -10.21
N SER A 131 -7.18 8.68 -11.29
CA SER A 131 -6.46 9.36 -12.37
C SER A 131 -7.38 10.40 -13.06
N SER A 132 -8.60 9.97 -13.40
CA SER A 132 -9.66 10.75 -14.03
C SER A 132 -10.05 12.00 -13.19
N GLU A 133 -10.06 11.84 -11.85
CA GLU A 133 -10.36 12.89 -10.87
C GLU A 133 -9.27 13.93 -10.75
N LEU A 134 -8.00 13.50 -10.80
CA LEU A 134 -6.85 14.41 -10.75
C LEU A 134 -6.82 15.21 -12.04
N HIS A 135 -7.20 14.58 -13.17
CA HIS A 135 -7.28 15.21 -14.49
C HIS A 135 -8.41 16.24 -14.56
N ARG A 136 -9.62 15.88 -14.07
CA ARG A 136 -10.80 16.76 -14.04
C ARG A 136 -10.51 18.02 -13.25
N LEU A 137 -9.87 17.87 -12.06
CA LEU A 137 -9.53 18.94 -11.13
C LEU A 137 -8.22 19.64 -11.46
N GLN A 138 -7.41 19.08 -12.39
CA GLN A 138 -6.11 19.64 -12.80
C GLN A 138 -5.26 19.94 -11.56
N VAL A 139 -5.07 18.90 -10.74
CA VAL A 139 -4.32 18.95 -9.49
C VAL A 139 -2.87 19.28 -9.80
N SER A 140 -2.34 20.29 -9.14
CA SER A 140 -0.95 20.70 -9.33
C SER A 140 -0.07 19.81 -8.47
N TYR A 141 1.23 19.76 -8.79
CA TYR A 141 2.22 18.98 -8.07
C TYR A 141 2.28 19.34 -6.60
N GLU A 142 2.16 20.63 -6.28
CA GLU A 142 2.17 21.18 -4.91
C GLU A 142 0.97 20.69 -4.09
N GLU A 143 -0.22 20.70 -4.70
CA GLU A 143 -1.46 20.21 -4.06
C GLU A 143 -1.29 18.70 -3.82
N TYR A 144 -0.75 17.98 -4.82
CA TYR A 144 -0.49 16.55 -4.76
C TYR A 144 0.40 16.16 -3.60
N LEU A 145 1.50 16.89 -3.38
CA LEU A 145 2.44 16.61 -2.29
C LEU A 145 1.78 16.71 -0.92
N CYS A 146 0.93 17.72 -0.73
CA CYS A 146 0.15 17.98 0.48
C CYS A 146 -0.83 16.88 0.69
N MET A 147 -1.60 16.54 -0.36
CA MET A 147 -2.60 15.47 -0.32
C MET A 147 -1.95 14.12 -0.01
N LYS A 148 -0.76 13.85 -0.61
CA LYS A 148 -0.05 12.60 -0.32
C LYS A 148 0.33 12.49 1.15
N THR A 149 0.81 13.59 1.76
CA THR A 149 1.17 13.62 3.19
C THR A 149 -0.07 13.38 4.07
N LEU A 150 -1.21 13.97 3.66
CA LEU A 150 -2.47 13.78 4.40
C LEU A 150 -2.92 12.33 4.37
N LEU A 151 -2.62 11.62 3.28
CA LEU A 151 -2.92 10.20 3.10
C LEU A 151 -2.10 9.33 4.04
N LEU A 152 -0.88 9.77 4.40
CA LEU A 152 -0.09 9.09 5.44
C LEU A 152 -0.82 9.25 6.83
N LEU A 153 -1.60 10.32 7.02
CA LEU A 153 -2.27 10.61 8.30
C LEU A 153 -3.83 10.40 8.26
N SER A 154 -4.33 9.55 7.35
CA SER A 154 -5.77 9.32 7.11
C SER A 154 -6.50 8.29 7.98
N SER A 155 -5.74 7.34 8.56
CA SER A 155 -6.24 6.24 9.39
C SER A 155 -5.47 6.20 10.70
N VAL A 156 -6.18 5.90 11.78
CA VAL A 156 -5.59 5.76 13.11
C VAL A 156 -6.17 4.50 13.79
N PRO A 157 -5.58 4.01 14.90
CA PRO A 157 -6.19 2.86 15.56
C PRO A 157 -7.43 3.31 16.33
N LYS A 158 -8.39 2.39 16.56
CA LYS A 158 -9.66 2.67 17.26
C LYS A 158 -9.47 3.51 18.51
N ASP A 159 -8.52 3.13 19.38
CA ASP A 159 -8.24 3.82 20.64
C ASP A 159 -7.23 4.98 20.52
N GLY A 160 -6.82 5.28 19.29
CA GLY A 160 -5.93 6.39 18.98
C GLY A 160 -4.46 6.07 19.06
N LEU A 161 -3.63 7.11 18.92
CA LEU A 161 -2.18 6.97 18.96
C LEU A 161 -1.59 7.32 20.33
N LYS A 162 -0.32 6.95 20.55
CA LYS A 162 0.42 7.27 21.78
C LYS A 162 0.72 8.79 21.83
N SER A 163 0.92 9.42 20.66
CA SER A 163 1.22 10.85 20.50
C SER A 163 0.06 11.56 19.78
N GLN A 164 -1.17 11.31 20.25
CA GLN A 164 -2.41 11.83 19.69
C GLN A 164 -2.42 13.34 19.54
N GLU A 165 -2.02 14.07 20.60
CA GLU A 165 -2.05 15.54 20.62
C GLU A 165 -1.14 16.09 19.55
N LEU A 166 0.08 15.58 19.49
CA LEU A 166 1.09 15.99 18.53
C LEU A 166 0.67 15.60 17.12
N PHE A 167 0.11 14.37 16.94
CA PHE A 167 -0.38 13.89 15.65
C PHE A 167 -1.43 14.86 15.09
N ASP A 168 -2.43 15.22 15.93
CA ASP A 168 -3.50 16.16 15.57
C ASP A 168 -2.96 17.52 15.17
N GLU A 169 -1.88 17.96 15.82
CA GLU A 169 -1.21 19.24 15.57
C GLU A 169 -0.53 19.19 14.20
N ILE A 170 0.19 18.08 13.93
CA ILE A 170 0.90 17.83 12.67
C ILE A 170 -0.10 17.69 11.48
N ARG A 171 -1.16 16.91 11.65
CA ARG A 171 -2.18 16.71 10.63
C ARG A 171 -2.84 18.04 10.27
N MET A 172 -3.24 18.83 11.28
CA MET A 172 -3.81 20.18 11.17
C MET A 172 -2.90 21.07 10.32
N THR A 173 -1.57 21.04 10.61
CA THR A 173 -0.53 21.78 9.88
C THR A 173 -0.53 21.45 8.37
N TYR A 174 -0.65 20.16 8.02
CA TYR A 174 -0.69 19.73 6.62
C TYR A 174 -1.98 20.09 5.91
N ILE A 175 -3.11 20.16 6.65
CA ILE A 175 -4.40 20.58 6.08
C ILE A 175 -4.28 22.07 5.69
N LYS A 176 -3.73 22.89 6.61
CA LYS A 176 -3.46 24.32 6.42
C LYS A 176 -2.50 24.49 5.24
N GLU A 177 -1.51 23.62 5.14
CA GLU A 177 -0.53 23.67 4.06
C GLU A 177 -1.21 23.49 2.70
N LEU A 178 -2.20 22.60 2.65
CA LEU A 178 -2.94 22.34 1.42
C LEU A 178 -3.75 23.56 1.00
N GLY A 179 -4.35 24.24 1.97
CA GLY A 179 -5.14 25.42 1.70
C GLY A 179 -4.30 26.58 1.19
N LYS A 180 -3.06 26.64 1.64
CA LYS A 180 -2.14 27.71 1.23
C LYS A 180 -1.65 27.48 -0.19
N ALA A 181 -1.28 26.24 -0.50
CA ALA A 181 -0.79 25.90 -1.83
C ALA A 181 -1.82 26.24 -2.90
N ILE A 182 -3.09 26.10 -2.56
CA ILE A 182 -4.17 26.40 -3.49
C ILE A 182 -4.35 27.91 -3.67
N VAL A 183 -4.20 28.64 -2.57
CA VAL A 183 -4.35 30.10 -2.59
C VAL A 183 -3.22 30.75 -3.37
N ASN A 192 -9.35 29.92 -3.90
CA ASN A 192 -10.77 29.59 -3.77
C ASN A 192 -11.00 28.43 -2.80
N TRP A 193 -11.84 28.67 -1.80
CA TRP A 193 -12.14 27.64 -0.81
C TRP A 193 -12.79 26.43 -1.46
N GLN A 194 -13.60 26.66 -2.49
CA GLN A 194 -14.28 25.59 -3.20
C GLN A 194 -13.31 24.48 -3.57
N ARG A 195 -12.14 24.87 -4.10
CA ARG A 195 -11.13 23.90 -4.50
C ARG A 195 -10.75 22.99 -3.32
N PHE A 196 -10.61 23.58 -2.14
CA PHE A 196 -10.25 22.83 -0.95
C PHE A 196 -11.28 21.73 -0.68
N TYR A 197 -12.56 22.10 -0.73
CA TYR A 197 -13.64 21.15 -0.49
C TYR A 197 -13.57 19.98 -1.47
N GLN A 198 -13.30 20.29 -2.73
CA GLN A 198 -13.20 19.28 -3.77
C GLN A 198 -11.99 18.35 -3.61
N LEU A 199 -10.81 18.90 -3.20
CA LEU A 199 -9.60 18.09 -3.06
C LEU A 199 -9.66 17.25 -1.83
N THR A 200 -10.20 17.81 -0.72
CA THR A 200 -10.41 17.04 0.53
C THR A 200 -11.51 15.99 0.33
N LYS A 201 -12.48 16.24 -0.60
CA LYS A 201 -13.50 15.24 -0.97
C LYS A 201 -12.83 14.10 -1.74
N LEU A 202 -11.85 14.41 -2.62
CA LEU A 202 -11.09 13.40 -3.34
C LEU A 202 -10.26 12.55 -2.34
N LEU A 203 -9.64 13.19 -1.33
CA LEU A 203 -8.90 12.48 -0.27
C LEU A 203 -9.80 11.49 0.47
N ASP A 204 -11.03 11.94 0.84
CA ASP A 204 -12.07 11.14 1.49
C ASP A 204 -12.45 9.90 0.65
N SER A 205 -12.57 10.05 -0.68
CA SER A 205 -12.98 8.96 -1.59
C SER A 205 -11.92 7.86 -1.72
N MET A 206 -10.63 8.16 -1.40
CA MET A 206 -9.50 7.22 -1.41
C MET A 206 -9.68 6.08 -0.41
N HIS A 207 -10.46 6.27 0.69
CA HIS A 207 -10.71 5.20 1.67
C HIS A 207 -11.39 4.02 0.98
N GLU A 208 -12.40 4.31 0.11
CA GLU A 208 -13.14 3.31 -0.66
C GLU A 208 -12.23 2.61 -1.67
N VAL A 209 -11.42 3.37 -2.44
CA VAL A 209 -10.49 2.83 -3.44
C VAL A 209 -9.53 1.80 -2.82
N VAL A 210 -8.82 2.23 -1.81
CA VAL A 210 -7.86 1.44 -1.04
C VAL A 210 -8.51 0.19 -0.44
N GLU A 211 -9.71 0.31 0.15
CA GLU A 211 -10.45 -0.83 0.71
C GLU A 211 -10.65 -1.94 -0.36
N ASN A 212 -10.93 -1.57 -1.62
CA ASN A 212 -11.07 -2.56 -2.71
C ASN A 212 -9.71 -3.17 -3.05
N LEU A 213 -8.64 -2.32 -3.14
CA LEU A 213 -7.27 -2.77 -3.43
C LEU A 213 -6.75 -3.73 -2.34
N LEU A 214 -6.96 -3.38 -1.04
CA LEU A 214 -6.54 -4.23 0.08
C LEU A 214 -7.25 -5.58 0.05
N ASN A 215 -8.55 -5.58 -0.33
CA ASN A 215 -9.37 -6.79 -0.42
C ASN A 215 -8.82 -7.77 -1.47
N TYR A 216 -8.44 -7.27 -2.65
CA TYR A 216 -7.88 -8.08 -3.72
C TYR A 216 -6.52 -8.61 -3.31
N CYS A 217 -5.72 -7.76 -2.66
CA CYS A 217 -4.40 -8.05 -2.15
C CYS A 217 -4.45 -9.14 -1.08
N PHE A 218 -5.37 -9.02 -0.12
CA PHE A 218 -5.57 -10.00 0.96
C PHE A 218 -6.01 -11.35 0.43
N GLN A 219 -6.89 -11.34 -0.62
CA GLN A 219 -7.42 -12.52 -1.34
C GLN A 219 -6.27 -13.28 -1.96
N THR A 220 -5.43 -12.58 -2.77
CA THR A 220 -4.28 -13.18 -3.42
C THR A 220 -3.25 -13.68 -2.40
N PHE A 221 -2.93 -12.87 -1.39
CA PHE A 221 -1.95 -13.23 -0.34
C PHE A 221 -2.28 -14.56 0.36
N LEU A 222 -3.57 -14.84 0.53
CA LEU A 222 -4.01 -16.07 1.19
C LEU A 222 -4.25 -17.25 0.26
N ASP A 223 -4.44 -17.00 -1.04
CA ASP A 223 -4.66 -18.05 -2.03
C ASP A 223 -3.39 -18.93 -2.24
N LYS A 224 -3.34 -20.09 -1.53
CA LYS A 224 -2.23 -21.04 -1.63
C LYS A 224 -2.24 -21.89 -2.92
N THR A 225 -3.30 -21.79 -3.74
CA THR A 225 -3.36 -22.51 -5.02
C THR A 225 -2.65 -21.72 -6.13
N MET A 226 -2.88 -20.39 -6.21
CA MET A 226 -2.26 -19.48 -7.18
C MET A 226 -0.77 -19.32 -6.82
N SER A 227 -0.50 -19.14 -5.50
CA SER A 227 0.82 -18.92 -4.92
C SER A 227 1.68 -17.91 -5.70
N ILE A 228 1.13 -16.69 -5.82
CA ILE A 228 1.76 -15.52 -6.39
C ILE A 228 2.78 -15.10 -5.32
N GLU A 229 3.99 -14.72 -5.75
CA GLU A 229 5.04 -14.31 -4.81
C GLU A 229 4.90 -12.90 -4.30
N PHE A 230 5.23 -12.71 -3.03
CA PHE A 230 5.19 -11.43 -2.34
C PHE A 230 6.56 -11.21 -1.71
N PRO A 231 7.14 -9.99 -1.78
CA PRO A 231 8.45 -9.78 -1.13
C PRO A 231 8.24 -9.77 0.37
N GLU A 232 9.31 -10.09 1.14
CA GLU A 232 9.29 -10.21 2.59
C GLU A 232 8.59 -9.08 3.35
N MET A 233 8.95 -7.80 3.12
CA MET A 233 8.33 -6.71 3.88
C MET A 233 6.84 -6.45 3.60
N LEU A 234 6.41 -6.62 2.35
CA LEU A 234 5.00 -6.51 2.00
C LEU A 234 4.26 -7.63 2.75
N ALA A 235 4.83 -8.85 2.74
CA ALA A 235 4.27 -10.01 3.46
C ALA A 235 4.09 -9.77 4.96
N GLU A 236 5.06 -9.13 5.64
CA GLU A 236 4.90 -8.88 7.10
C GLU A 236 3.79 -7.88 7.39
N ILE A 237 3.74 -6.77 6.61
CA ILE A 237 2.73 -5.71 6.75
C ILE A 237 1.32 -6.24 6.44
N ILE A 238 1.18 -7.11 5.43
CA ILE A 238 -0.12 -7.73 5.12
C ILE A 238 -0.55 -8.63 6.30
N THR A 239 0.39 -9.46 6.82
CA THR A 239 0.13 -10.38 7.95
C THR A 239 -0.36 -9.65 9.23
N ASN A 240 0.25 -8.49 9.53
CA ASN A 240 -0.10 -7.67 10.68
C ASN A 240 -1.45 -6.96 10.48
N GLN A 241 -1.78 -6.58 9.24
CA GLN A 241 -2.99 -5.83 8.90
C GLN A 241 -4.25 -6.63 8.74
N ILE A 242 -4.20 -7.80 8.04
CA ILE A 242 -5.40 -8.61 7.81
C ILE A 242 -6.35 -8.66 9.02
N PRO A 243 -5.89 -9.09 10.24
CA PRO A 243 -6.81 -9.13 11.39
C PRO A 243 -7.51 -7.81 11.68
N LYS A 244 -6.76 -6.68 11.60
CA LYS A 244 -7.24 -5.32 11.87
C LYS A 244 -8.35 -4.87 10.93
N TYR A 245 -8.29 -5.32 9.67
CA TYR A 245 -9.25 -5.05 8.59
C TYR A 245 -10.57 -5.85 8.86
N SER A 246 -10.57 -6.69 9.95
CA SER A 246 -11.70 -7.52 10.43
C SER A 246 -11.99 -7.27 11.93
N ASN A 247 -10.97 -6.82 12.69
CA ASN A 247 -11.05 -6.48 14.12
C ASN A 247 -11.91 -5.24 14.37
N GLY A 248 -12.06 -4.40 13.35
CA GLY A 248 -12.74 -3.11 13.44
C GLY A 248 -11.86 -2.16 14.23
N ASN A 249 -10.53 -2.36 14.12
CA ASN A 249 -9.51 -1.60 14.84
C ASN A 249 -9.02 -0.35 14.10
N ILE A 250 -9.43 -0.16 12.82
CA ILE A 250 -9.04 0.98 12.01
C ILE A 250 -10.14 2.04 12.00
N LYS A 251 -9.78 3.28 12.35
CA LYS A 251 -10.66 4.43 12.35
C LYS A 251 -10.22 5.36 11.21
N LYS A 252 -11.08 5.52 10.22
CA LYS A 252 -10.86 6.35 9.03
C LYS A 252 -11.12 7.82 9.36
N LEU A 253 -10.18 8.75 9.01
CA LEU A 253 -10.35 10.18 9.31
C LEU A 253 -10.96 10.86 8.10
N LEU A 254 -12.13 11.48 8.27
CA LEU A 254 -12.83 12.06 7.14
C LEU A 254 -12.83 13.55 7.19
N PHE A 255 -12.61 14.18 6.04
CA PHE A 255 -12.68 15.62 5.94
C PHE A 255 -14.13 16.04 5.96
N HIS A 256 -14.98 15.23 5.34
CA HIS A 256 -16.39 15.58 5.21
C HIS A 256 -17.27 14.43 5.58
N GLN A 257 -18.51 14.77 5.89
CA GLN A 257 -19.52 13.78 6.17
C GLN A 257 -20.06 13.29 4.83
N LYS A 258 -20.18 11.97 4.62
CA LYS A 258 -19.86 10.89 5.55
C LYS A 258 -19.37 9.64 4.83
N SER B 2 5.88 -5.49 10.24
CA SER B 2 6.33 -5.37 11.62
C SER B 2 7.87 -5.35 11.84
N SER B 3 8.54 -6.51 11.99
CA SER B 3 9.99 -6.56 12.24
C SER B 3 10.86 -5.87 11.18
N ARG B 4 10.65 -6.17 9.89
CA ARG B 4 11.38 -5.55 8.77
C ARG B 4 11.09 -4.04 8.72
N LEU B 5 9.82 -3.65 8.96
CA LEU B 5 9.37 -2.26 9.02
C LEU B 5 10.06 -1.53 10.20
N TRP B 6 10.10 -2.19 11.39
CA TRP B 6 10.69 -1.69 12.63
C TRP B 6 12.16 -1.37 12.45
N GLU B 7 12.98 -2.32 11.94
CA GLU B 7 14.40 -2.05 11.72
C GLU B 7 14.67 -1.03 10.61
N LEU B 8 13.69 -0.82 9.70
CA LEU B 8 13.81 0.21 8.69
C LEU B 8 13.53 1.55 9.39
N LEU B 9 12.50 1.59 10.25
CA LEU B 9 12.15 2.79 11.00
C LEU B 9 13.21 3.19 12.02
N MET B 10 13.84 2.21 12.66
CA MET B 10 14.85 2.44 13.68
C MET B 10 16.19 2.93 13.13
N GLU B 11 16.48 2.68 11.83
CA GLU B 11 17.70 3.07 11.13
C GLU B 11 18.03 4.57 11.28
#